data_3KXQ
#
_entry.id   3KXQ
#
_cell.length_a   44.900
_cell.length_b   141.050
_cell.length_c   44.930
_cell.angle_alpha   90.00
_cell.angle_beta   109.68
_cell.angle_gamma   90.00
#
_symmetry.space_group_name_H-M   'P 1 21 1'
#
loop_
_entity.id
_entity.type
_entity.pdbx_description
1 polymer 'Triosephosphate isomerase'
2 non-polymer 'NITRATE ION'
3 non-polymer 1,2-ETHANEDIOL
4 water water
#
_entity_poly.entity_id   1
_entity_poly.type   'polypeptide(L)'
_entity_poly.pdbx_seq_one_letter_code
;MAHHHHHHMGTLEAQTQGPGSMSPNIRPFIAGNWKMNGTGESLGELRAIAAGISSDLGRLFEALICVPATLLSRAFDILG
GENILLGGQNCHFDDYGPYTGDISAFMLKEAGASHVIIGHSERRTVYQESDAIVRAKVQAAWRAGLVALICVGETLEERK
SNKVLDVLTRQLEGSLPDGATAENIIIAYEPVWAVGTGNTATSADVAEVHAFIHHKMHSRFGDEGAKIRLLYGGSVKPSN
AFELLSTAHVNGALIGGASLKAIDFLTICDVYRKL
;
_entity_poly.pdbx_strand_id   A,B
#
# COMPACT_ATOMS: atom_id res chain seq x y z
N ILE A 26 -20.83 17.04 -20.38
CA ILE A 26 -19.95 16.19 -19.49
C ILE A 26 -19.83 16.85 -18.11
N ARG A 27 -20.18 16.12 -17.05
CA ARG A 27 -20.07 16.72 -15.71
C ARG A 27 -18.61 16.80 -15.22
N PRO A 28 -18.16 18.00 -14.75
CA PRO A 28 -16.78 18.15 -14.33
C PRO A 28 -16.49 17.44 -13.02
N PHE A 29 -15.22 17.12 -12.83
CA PHE A 29 -14.80 16.22 -11.77
C PHE A 29 -13.51 16.77 -11.19
N ILE A 30 -13.55 17.08 -9.89
CA ILE A 30 -12.39 17.58 -9.17
C ILE A 30 -11.94 16.53 -8.14
N ALA A 31 -10.77 15.95 -8.41
CA ALA A 31 -10.18 14.88 -7.58
C ALA A 31 -8.97 15.46 -6.81
N GLY A 32 -8.95 15.21 -5.50
CA GLY A 32 -7.83 15.47 -4.66
C GLY A 32 -7.12 14.22 -4.25
N ASN A 33 -5.81 14.25 -4.36
CA ASN A 33 -4.95 13.14 -4.00
C ASN A 33 -4.09 13.61 -2.84
N TRP A 34 -4.41 13.12 -1.63
CA TRP A 34 -3.67 13.49 -0.42
C TRP A 34 -2.26 12.86 -0.39
N LYS A 35 -2.01 11.89 -1.23
CA LYS A 35 -0.76 11.14 -1.27
C LYS A 35 -0.50 10.59 0.13
N MET A 36 0.75 10.60 0.58
CA MET A 36 1.10 10.04 1.88
C MET A 36 1.04 11.14 2.95
N ASN A 37 -0.21 11.62 3.12
CA ASN A 37 -0.60 12.57 4.15
C ASN A 37 -1.97 12.19 4.66
N GLY A 38 -2.17 12.27 5.97
CA GLY A 38 -3.50 12.13 6.55
C GLY A 38 -3.54 11.04 7.59
N THR A 39 -3.98 11.43 8.78
CA THR A 39 -4.26 10.52 9.88
C THR A 39 -5.62 10.85 10.48
N GLY A 40 -6.01 10.19 11.57
CA GLY A 40 -7.22 10.57 12.30
C GLY A 40 -7.32 12.07 12.63
N GLU A 41 -6.18 12.71 12.89
CA GLU A 41 -6.12 14.13 13.20
C GLU A 41 -6.57 14.98 12.05
N SER A 42 -6.60 14.40 10.85
CA SER A 42 -6.96 15.10 9.61
C SER A 42 -8.45 15.03 9.25
N LEU A 43 -9.23 14.34 10.04
CA LEU A 43 -10.63 14.14 9.73
C LEU A 43 -11.42 15.44 9.77
N GLY A 44 -11.07 16.38 10.67
CA GLY A 44 -11.68 17.70 10.62
C GLY A 44 -11.47 18.41 9.30
N GLU A 45 -10.27 18.38 8.76
CA GLU A 45 -10.03 19.06 7.52
C GLU A 45 -10.83 18.38 6.36
N LEU A 46 -10.90 17.04 6.40
CA LEU A 46 -11.66 16.30 5.39
C LEU A 46 -13.14 16.70 5.48
N ARG A 47 -13.69 16.76 6.67
CA ARG A 47 -15.04 17.26 6.82
C ARG A 47 -15.25 18.63 6.24
N ALA A 48 -14.25 19.50 6.38
CA ALA A 48 -14.35 20.90 5.92
C ALA A 48 -14.42 20.89 4.38
N ILE A 49 -13.70 19.96 3.77
CA ILE A 49 -13.78 19.81 2.31
C ILE A 49 -15.18 19.38 1.91
N ALA A 50 -15.69 18.33 2.56
CA ALA A 50 -17.03 17.81 2.28
C ALA A 50 -18.10 18.87 2.50
N ALA A 51 -17.99 19.67 3.56
CA ALA A 51 -19.02 20.65 3.85
C ALA A 51 -19.03 21.78 2.83
N GLY A 52 -17.87 22.06 2.27
CA GLY A 52 -17.74 23.14 1.28
C GLY A 52 -18.40 22.77 -0.04
N ILE A 53 -18.47 21.48 -0.33
CA ILE A 53 -19.11 20.91 -1.55
C ILE A 53 -20.60 20.70 -1.30
N SER A 54 -20.91 20.33 -0.07
CA SER A 54 -22.26 20.02 0.37
C SER A 54 -23.16 21.25 0.33
N ARG A 59 -22.77 21.65 -6.90
CA ARG A 59 -23.94 21.47 -7.77
C ARG A 59 -23.56 21.11 -9.20
N LEU A 60 -22.63 21.84 -9.81
CA LEU A 60 -22.29 21.64 -11.23
C LEU A 60 -21.13 20.65 -11.45
N PHE A 61 -20.48 20.19 -10.39
CA PHE A 61 -19.29 19.32 -10.50
C PHE A 61 -19.38 18.22 -9.44
N GLU A 62 -18.56 17.20 -9.58
CA GLU A 62 -18.38 16.16 -8.58
C GLU A 62 -17.02 16.39 -7.97
N ALA A 63 -16.90 16.01 -6.71
CA ALA A 63 -15.62 16.10 -6.00
C ALA A 63 -15.25 14.74 -5.38
N LEU A 64 -13.97 14.40 -5.42
CA LEU A 64 -13.43 13.16 -4.86
C LEU A 64 -12.17 13.48 -4.07
N ILE A 65 -12.02 12.86 -2.90
CA ILE A 65 -10.76 12.93 -2.15
C ILE A 65 -10.28 11.50 -1.96
N CYS A 66 -9.04 11.27 -2.39
CA CYS A 66 -8.35 9.96 -2.25
C CYS A 66 -7.38 10.01 -1.06
N VAL A 67 -7.79 9.35 0.02
CA VAL A 67 -7.04 9.37 1.30
C VAL A 67 -6.14 8.13 1.44
N PRO A 68 -5.16 8.17 2.36
CA PRO A 68 -4.38 6.94 2.56
C PRO A 68 -5.26 5.78 3.00
N ALA A 69 -4.84 4.56 2.65
CA ALA A 69 -5.64 3.38 2.91
C ALA A 69 -5.91 3.20 4.40
N THR A 70 -4.98 3.63 5.25
CA THR A 70 -5.17 3.56 6.69
C THR A 70 -6.37 4.39 7.20
N LEU A 71 -6.71 5.45 6.48
CA LEU A 71 -7.73 6.42 6.89
C LEU A 71 -9.06 6.19 6.23
N LEU A 72 -9.11 5.34 5.22
CA LEU A 72 -10.32 5.21 4.41
C LEU A 72 -11.60 4.87 5.19
N SER A 73 -11.54 3.85 6.05
CA SER A 73 -12.76 3.46 6.80
CA SER A 73 -12.74 3.44 6.83
C SER A 73 -13.28 4.56 7.71
N ARG A 74 -12.38 5.30 8.37
CA ARG A 74 -12.77 6.39 9.26
C ARG A 74 -13.30 7.58 8.46
N ALA A 75 -12.72 7.80 7.28
CA ALA A 75 -13.24 8.80 6.35
C ALA A 75 -14.67 8.44 5.94
N PHE A 76 -14.94 7.17 5.64
CA PHE A 76 -16.27 6.76 5.23
C PHE A 76 -17.25 6.92 6.38
N ASP A 77 -16.80 6.60 7.59
CA ASP A 77 -17.64 6.72 8.80
C ASP A 77 -18.20 8.14 8.99
N ILE A 78 -17.41 9.16 8.65
CA ILE A 78 -17.86 10.55 8.83
C ILE A 78 -18.50 11.12 7.60
N LEU A 79 -18.12 10.67 6.40
CA LEU A 79 -18.54 11.30 5.14
C LEU A 79 -19.42 10.42 4.27
N GLY A 80 -19.58 9.14 4.64
CA GLY A 80 -20.19 8.13 3.78
C GLY A 80 -21.57 8.52 3.26
N GLY A 81 -22.33 9.24 4.09
CA GLY A 81 -23.65 9.78 3.71
C GLY A 81 -23.66 11.17 3.07
N GLU A 82 -22.47 11.69 2.75
CA GLU A 82 -22.34 13.06 2.19
C GLU A 82 -22.13 13.04 0.66
N ASN A 83 -21.98 14.23 0.09
CA ASN A 83 -21.87 14.40 -1.35
C ASN A 83 -20.48 14.04 -1.89
N ILE A 84 -19.44 14.36 -1.13
CA ILE A 84 -18.06 14.02 -1.49
C ILE A 84 -17.92 12.54 -1.86
N LEU A 85 -17.11 12.25 -2.86
CA LEU A 85 -16.72 10.87 -3.17
C LEU A 85 -15.40 10.56 -2.44
N LEU A 86 -15.22 9.30 -2.07
CA LEU A 86 -14.01 8.87 -1.38
C LEU A 86 -13.27 7.86 -2.24
N GLY A 87 -11.95 7.95 -2.28
CA GLY A 87 -11.14 7.04 -3.07
C GLY A 87 -9.86 6.57 -2.43
N GLY A 88 -9.32 5.52 -3.05
CA GLY A 88 -8.01 5.04 -2.73
C GLY A 88 -6.98 5.52 -3.73
N GLN A 89 -5.73 5.21 -3.46
CA GLN A 89 -4.57 5.74 -4.23
C GLN A 89 -3.80 4.74 -5.14
N ASN A 90 -4.19 3.48 -5.06
CA ASN A 90 -3.58 2.36 -5.77
C ASN A 90 -4.31 1.09 -5.35
N CYS A 91 -4.28 0.06 -6.20
CA CYS A 91 -4.72 -1.27 -5.78
C CYS A 91 -3.89 -2.34 -6.51
N HIS A 92 -4.02 -3.56 -6.03
CA HIS A 92 -3.28 -4.69 -6.59
C HIS A 92 -4.06 -5.25 -7.79
N PHE A 93 -3.43 -6.13 -8.54
CA PHE A 93 -4.08 -6.83 -9.67
C PHE A 93 -4.95 -8.01 -9.27
N ASP A 94 -4.73 -8.61 -8.10
CA ASP A 94 -5.46 -9.82 -7.67
CA ASP A 94 -5.49 -9.81 -7.70
C ASP A 94 -6.59 -9.47 -6.71
N ASP A 95 -7.53 -10.42 -6.55
CA ASP A 95 -8.64 -10.23 -5.63
C ASP A 95 -8.23 -10.31 -4.15
N TYR A 96 -7.24 -11.17 -3.87
CA TYR A 96 -6.73 -11.45 -2.53
C TYR A 96 -5.49 -12.26 -2.79
N GLY A 97 -4.68 -12.43 -1.80
CA GLY A 97 -3.60 -13.40 -1.94
C GLY A 97 -2.31 -13.03 -1.24
N PRO A 98 -1.22 -13.75 -1.56
CA PRO A 98 0.04 -13.64 -0.83
C PRO A 98 0.89 -12.49 -1.34
N TYR A 99 0.39 -11.30 -1.04
CA TYR A 99 0.99 -10.05 -1.47
C TYR A 99 1.15 -9.07 -0.32
N THR A 100 2.17 -9.36 0.49
CA THR A 100 2.47 -8.57 1.70
C THR A 100 2.56 -7.08 1.42
N GLY A 101 1.82 -6.30 2.20
CA GLY A 101 1.76 -4.88 2.03
C GLY A 101 0.92 -4.32 0.90
N ASP A 102 0.20 -5.16 0.16
CA ASP A 102 -0.66 -4.69 -0.89
C ASP A 102 -2.13 -4.73 -0.49
N ILE A 103 -2.89 -3.87 -1.14
CA ILE A 103 -4.33 -3.67 -0.85
C ILE A 103 -5.09 -4.02 -2.11
N SER A 104 -6.13 -4.83 -1.94
CA SER A 104 -6.95 -5.22 -3.05
C SER A 104 -8.06 -4.18 -3.31
N ALA A 105 -8.57 -4.20 -4.53
CA ALA A 105 -9.71 -3.33 -4.86
C ALA A 105 -10.93 -3.64 -4.01
N PHE A 106 -11.10 -4.90 -3.64
CA PHE A 106 -12.24 -5.30 -2.78
C PHE A 106 -12.06 -4.71 -1.38
N MET A 107 -10.84 -4.65 -0.86
CA MET A 107 -10.60 -4.00 0.41
C MET A 107 -10.95 -2.51 0.36
N LEU A 108 -10.56 -1.86 -0.72
CA LEU A 108 -10.90 -0.43 -0.86
C LEU A 108 -12.41 -0.27 -0.86
N LYS A 109 -13.11 -1.03 -1.70
CA LYS A 109 -14.55 -0.91 -1.81
CA LYS A 109 -14.55 -0.92 -1.82
CA LYS A 109 -14.55 -0.92 -1.82
C LYS A 109 -15.21 -1.16 -0.46
N GLU A 110 -14.79 -2.21 0.21
CA GLU A 110 -15.46 -2.54 1.49
C GLU A 110 -15.18 -1.52 2.59
N ALA A 111 -14.07 -0.82 2.51
CA ALA A 111 -13.72 0.24 3.46
C ALA A 111 -14.45 1.55 3.12
N GLY A 112 -15.01 1.64 1.91
CA GLY A 112 -15.87 2.78 1.52
C GLY A 112 -15.45 3.62 0.34
N ALA A 113 -14.40 3.18 -0.36
CA ALA A 113 -14.02 3.85 -1.62
C ALA A 113 -14.94 3.53 -2.74
N SER A 114 -15.17 4.53 -3.61
CA SER A 114 -15.82 4.32 -4.91
C SER A 114 -14.91 4.47 -6.11
N HIS A 115 -13.72 5.03 -5.90
CA HIS A 115 -12.76 5.36 -6.92
C HIS A 115 -11.38 4.94 -6.44
N VAL A 116 -10.48 4.71 -7.39
CA VAL A 116 -9.07 4.45 -7.07
C VAL A 116 -8.17 5.03 -8.15
N ILE A 117 -7.17 5.78 -7.71
CA ILE A 117 -6.10 6.25 -8.57
C ILE A 117 -5.16 5.08 -8.92
N ILE A 118 -4.90 4.92 -10.21
CA ILE A 118 -4.03 3.87 -10.71
C ILE A 118 -3.03 4.43 -11.72
N GLY A 119 -1.77 4.04 -11.61
CA GLY A 119 -0.74 4.46 -12.52
C GLY A 119 -0.24 5.87 -12.33
N HIS A 120 -0.33 6.38 -11.11
CA HIS A 120 0.23 7.69 -10.83
C HIS A 120 1.75 7.66 -11.12
N SER A 121 2.26 8.76 -11.66
CA SER A 121 3.69 8.86 -12.00
C SER A 121 4.63 8.53 -10.83
N GLU A 122 4.20 8.77 -9.59
CA GLU A 122 5.03 8.46 -8.42
C GLU A 122 5.24 6.97 -8.28
N ARG A 123 4.32 6.18 -8.83
CA ARG A 123 4.42 4.73 -8.74
C ARG A 123 4.96 4.11 -10.04
N ARG A 124 4.65 4.68 -11.19
CA ARG A 124 5.14 4.11 -12.45
C ARG A 124 6.65 4.12 -12.44
N THR A 125 7.24 5.21 -11.94
CA THR A 125 8.69 5.44 -11.81
C THR A 125 9.27 4.52 -10.70
N VAL A 126 8.89 4.78 -9.46
CA VAL A 126 9.52 4.07 -8.35
C VAL A 126 9.26 2.56 -8.30
N TYR A 127 8.04 2.11 -8.64
CA TYR A 127 7.64 0.70 -8.57
C TYR A 127 7.62 0.03 -9.96
N GLN A 128 8.05 0.73 -11.00
CA GLN A 128 8.13 0.17 -12.38
C GLN A 128 6.77 -0.44 -12.77
N GLU A 129 5.73 0.34 -12.53
CA GLU A 129 4.41 -0.07 -12.96
C GLU A 129 4.29 0.18 -14.47
N SER A 130 4.39 -0.87 -15.24
CA SER A 130 4.21 -0.81 -16.67
C SER A 130 2.76 -0.54 -17.07
N ASP A 131 2.55 -0.25 -18.35
CA ASP A 131 1.17 -0.15 -18.84
C ASP A 131 0.39 -1.47 -18.64
N ALA A 132 1.05 -2.63 -18.77
CA ALA A 132 0.41 -3.91 -18.59
C ALA A 132 -0.01 -4.11 -17.13
N ILE A 133 0.87 -3.70 -16.23
CA ILE A 133 0.61 -3.72 -14.75
C ILE A 133 -0.56 -2.79 -14.44
N VAL A 134 -0.55 -1.59 -15.00
CA VAL A 134 -1.68 -0.66 -14.81
C VAL A 134 -3.00 -1.25 -15.33
N ARG A 135 -2.97 -1.82 -16.54
CA ARG A 135 -4.18 -2.44 -17.06
C ARG A 135 -4.74 -3.50 -16.10
N ALA A 136 -3.89 -4.35 -15.56
CA ALA A 136 -4.35 -5.42 -14.67
C ALA A 136 -4.96 -4.87 -13.38
N LYS A 137 -4.38 -3.76 -12.87
CA LYS A 137 -4.95 -3.07 -11.73
C LYS A 137 -6.34 -2.48 -12.05
N VAL A 138 -6.47 -1.84 -13.19
CA VAL A 138 -7.79 -1.31 -13.60
C VAL A 138 -8.83 -2.42 -13.64
N GLN A 139 -8.44 -3.55 -14.27
CA GLN A 139 -9.33 -4.72 -14.31
C GLN A 139 -9.76 -5.17 -12.92
N ALA A 140 -8.85 -5.20 -11.94
CA ALA A 140 -9.23 -5.54 -10.54
C ALA A 140 -10.21 -4.51 -9.94
N ALA A 141 -9.96 -3.25 -10.22
CA ALA A 141 -10.83 -2.19 -9.76
C ALA A 141 -12.23 -2.41 -10.27
N TRP A 142 -12.37 -2.76 -11.54
CA TRP A 142 -13.73 -3.01 -12.07
C TRP A 142 -14.40 -4.23 -11.44
N ARG A 143 -13.64 -5.27 -11.16
CA ARG A 143 -14.21 -6.45 -10.57
C ARG A 143 -14.85 -6.11 -9.21
N ALA A 144 -14.23 -5.20 -8.50
CA ALA A 144 -14.70 -4.75 -7.19
C ALA A 144 -15.71 -3.61 -7.27
N GLY A 145 -16.03 -3.16 -8.47
CA GLY A 145 -17.00 -2.10 -8.64
C GLY A 145 -16.52 -0.67 -8.38
N LEU A 146 -15.22 -0.48 -8.51
CA LEU A 146 -14.55 0.82 -8.39
C LEU A 146 -14.41 1.49 -9.75
N VAL A 147 -14.49 2.84 -9.76
CA VAL A 147 -14.11 3.62 -10.92
C VAL A 147 -12.59 3.82 -10.87
N ALA A 148 -11.88 3.49 -11.96
CA ALA A 148 -10.43 3.64 -12.05
C ALA A 148 -10.05 5.05 -12.59
N LEU A 149 -9.27 5.81 -11.84
CA LEU A 149 -8.80 7.14 -12.26
C LEU A 149 -7.33 6.87 -12.70
N ILE A 150 -7.20 6.68 -14.00
CA ILE A 150 -5.97 6.23 -14.64
C ILE A 150 -5.11 7.42 -15.00
N CYS A 151 -3.87 7.41 -14.56
CA CYS A 151 -2.94 8.49 -14.88
C CYS A 151 -2.00 8.11 -16.00
N VAL A 152 -1.78 9.05 -16.94
CA VAL A 152 -0.79 8.94 -17.98
C VAL A 152 0.01 10.21 -18.05
N GLY A 153 1.18 10.15 -18.65
CA GLY A 153 1.98 11.36 -18.84
C GLY A 153 3.43 11.06 -19.15
N GLU A 154 4.07 12.02 -19.82
CA GLU A 154 5.45 11.85 -20.29
C GLU A 154 6.47 12.47 -19.36
N THR A 155 7.69 11.95 -19.41
CA THR A 155 8.78 12.45 -18.57
C THR A 155 9.37 13.73 -19.21
N LEU A 156 10.22 14.43 -18.47
CA LEU A 156 10.93 15.59 -19.02
C LEU A 156 11.75 15.19 -20.25
N GLU A 157 12.46 14.06 -20.13
CA GLU A 157 13.32 13.57 -21.21
C GLU A 157 12.46 13.27 -22.45
N GLU A 158 11.27 12.70 -22.24
CA GLU A 158 10.36 12.41 -23.34
C GLU A 158 9.83 13.68 -24.01
N ARG A 159 9.51 14.70 -23.22
CA ARG A 159 9.04 16.00 -23.71
C ARG A 159 10.19 16.71 -24.48
N LYS A 160 11.39 16.72 -23.89
CA LYS A 160 12.59 17.30 -24.53
C LYS A 160 12.89 16.65 -25.88
N SER A 161 12.61 15.35 -25.99
CA SER A 161 12.80 14.60 -27.23
C SER A 161 11.63 14.68 -28.21
N ASN A 162 10.62 15.52 -27.94
CA ASN A 162 9.42 15.65 -28.80
C ASN A 162 8.65 14.33 -28.98
N LYS A 163 8.60 13.52 -27.92
CA LYS A 163 7.92 12.21 -27.95
C LYS A 163 6.59 12.19 -27.18
N VAL A 164 6.04 13.34 -26.82
CA VAL A 164 4.85 13.37 -25.95
C VAL A 164 3.69 12.55 -26.51
N LEU A 165 3.42 12.75 -27.80
CA LEU A 165 2.28 12.10 -28.44
C LEU A 165 2.53 10.62 -28.61
N ASP A 166 3.77 10.25 -28.94
CA ASP A 166 4.13 8.83 -29.05
C ASP A 166 3.95 8.11 -27.70
N VAL A 167 4.40 8.76 -26.62
CA VAL A 167 4.30 8.16 -25.29
C VAL A 167 2.83 8.01 -24.92
N LEU A 168 2.05 9.07 -25.09
CA LEU A 168 0.62 8.99 -24.75
C LEU A 168 -0.11 7.92 -25.59
N THR A 169 0.21 7.84 -26.87
CA THR A 169 -0.34 6.76 -27.71
C THR A 169 -0.15 5.36 -27.11
N ARG A 170 1.07 5.08 -26.71
CA ARG A 170 1.41 3.82 -26.09
C ARG A 170 0.74 3.67 -24.74
N GLN A 171 0.88 4.67 -23.88
CA GLN A 171 0.31 4.54 -22.54
C GLN A 171 -1.19 4.39 -22.56
N LEU A 172 -1.85 5.20 -23.37
CA LEU A 172 -3.33 5.12 -23.42
C LEU A 172 -3.81 3.75 -23.94
N GLU A 173 -3.16 3.22 -24.98
CA GLU A 173 -3.53 1.91 -25.51
C GLU A 173 -3.30 0.85 -24.43
N GLY A 174 -2.10 0.82 -23.88
CA GLY A 174 -1.70 -0.28 -23.01
C GLY A 174 -2.35 -0.27 -21.64
N SER A 175 -2.60 0.92 -21.10
CA SER A 175 -3.05 1.08 -19.73
C SER A 175 -4.53 0.82 -19.61
N LEU A 176 -5.30 1.05 -20.69
CA LEU A 176 -6.77 0.92 -20.64
C LEU A 176 -7.17 -0.47 -21.11
N PRO A 177 -7.88 -1.21 -20.29
CA PRO A 177 -8.38 -2.50 -20.79
C PRO A 177 -9.54 -2.34 -21.79
N ASP A 178 -9.78 -3.35 -22.59
CA ASP A 178 -10.98 -3.45 -23.34
C ASP A 178 -12.09 -3.44 -22.29
N GLY A 179 -13.18 -2.85 -22.63
CA GLY A 179 -14.28 -2.78 -21.69
C GLY A 179 -14.40 -1.47 -20.95
N ALA A 180 -13.51 -0.53 -21.23
CA ALA A 180 -13.60 0.78 -20.59
C ALA A 180 -14.83 1.52 -21.07
N THR A 181 -15.41 2.28 -20.15
CA THR A 181 -16.59 3.08 -20.41
C THR A 181 -16.44 4.43 -19.76
N ALA A 182 -17.37 5.36 -20.05
CA ALA A 182 -17.34 6.66 -19.39
C ALA A 182 -17.70 6.58 -17.91
N GLU A 183 -18.29 5.45 -17.50
CA GLU A 183 -18.70 5.20 -16.12
C GLU A 183 -17.60 4.55 -15.30
N ASN A 184 -16.73 3.74 -15.93
CA ASN A 184 -15.79 2.95 -15.13
C ASN A 184 -14.33 3.40 -15.16
N ILE A 185 -14.04 4.43 -15.96
CA ILE A 185 -12.73 5.09 -15.95
C ILE A 185 -12.87 6.63 -16.01
N ILE A 186 -11.81 7.30 -15.53
CA ILE A 186 -11.53 8.72 -15.68
C ILE A 186 -10.05 8.73 -15.99
N ILE A 187 -9.62 9.62 -16.87
CA ILE A 187 -8.19 9.72 -17.23
C ILE A 187 -7.65 11.02 -16.67
N ALA A 188 -6.46 10.98 -16.07
CA ALA A 188 -5.72 12.18 -15.67
C ALA A 188 -4.40 12.26 -16.44
N TYR A 189 -4.19 13.39 -17.11
CA TYR A 189 -2.93 13.69 -17.76
C TYR A 189 -2.01 14.41 -16.78
N GLU A 190 -0.86 13.78 -16.50
CA GLU A 190 0.27 14.34 -15.69
C GLU A 190 1.45 14.82 -16.52
N PRO A 191 1.60 16.10 -16.71
CA PRO A 191 2.88 16.45 -17.32
C PRO A 191 4.02 16.19 -16.27
N VAL A 192 4.51 14.94 -16.19
CA VAL A 192 5.62 14.57 -15.28
C VAL A 192 6.75 15.59 -15.54
N TRP A 193 7.11 15.79 -16.80
CA TRP A 193 8.10 16.82 -17.10
C TRP A 193 7.86 18.03 -16.19
N THR A 202 1.65 24.89 -19.79
CA THR A 202 0.85 26.00 -20.32
C THR A 202 -0.52 25.57 -20.83
N SER A 203 -1.44 26.52 -20.95
CA SER A 203 -2.78 26.23 -21.51
C SER A 203 -2.74 25.69 -22.95
N ALA A 204 -1.75 26.12 -23.75
CA ALA A 204 -1.60 25.62 -25.11
C ALA A 204 -1.14 24.17 -25.10
N ASP A 205 -0.13 23.86 -24.28
CA ASP A 205 0.27 22.45 -24.05
C ASP A 205 -0.95 21.61 -23.67
N VAL A 206 -1.71 22.08 -22.70
CA VAL A 206 -2.82 21.31 -22.16
C VAL A 206 -3.93 21.14 -23.19
N ALA A 207 -4.27 22.20 -23.92
CA ALA A 207 -5.32 22.07 -24.94
C ALA A 207 -4.95 21.03 -25.97
N GLU A 208 -3.70 21.05 -26.45
CA GLU A 208 -3.24 20.13 -27.48
CA GLU A 208 -3.29 20.12 -27.51
C GLU A 208 -3.31 18.69 -26.99
N VAL A 209 -2.76 18.46 -25.81
CA VAL A 209 -2.74 17.12 -25.23
C VAL A 209 -4.15 16.62 -24.98
N HIS A 210 -4.99 17.44 -24.37
CA HIS A 210 -6.33 16.94 -24.05
C HIS A 210 -7.16 16.70 -25.29
N ALA A 211 -7.02 17.56 -26.32
CA ALA A 211 -7.63 17.27 -27.59
C ALA A 211 -7.19 15.91 -28.14
N PHE A 212 -5.90 15.62 -28.05
CA PHE A 212 -5.33 14.37 -28.58
C PHE A 212 -5.89 13.19 -27.84
N ILE A 213 -5.95 13.32 -26.52
CA ILE A 213 -6.44 12.24 -25.69
C ILE A 213 -7.94 11.99 -25.98
N HIS A 214 -8.70 13.10 -26.08
CA HIS A 214 -10.12 12.98 -26.39
C HIS A 214 -10.33 12.24 -27.74
N HIS A 215 -9.52 12.58 -28.73
CA HIS A 215 -9.62 11.94 -30.02
CA HIS A 215 -9.62 11.93 -30.03
C HIS A 215 -9.27 10.45 -29.92
N LYS A 216 -8.24 10.11 -29.16
CA LYS A 216 -7.91 8.70 -28.97
CA LYS A 216 -7.89 8.70 -28.92
C LYS A 216 -9.06 7.93 -28.32
N MET A 217 -9.75 8.56 -27.37
CA MET A 217 -10.88 7.91 -26.72
C MET A 217 -12.03 7.66 -27.70
N HIS A 218 -12.36 8.65 -28.53
CA HIS A 218 -13.35 8.43 -29.57
C HIS A 218 -12.89 7.33 -30.55
N SER A 219 -11.61 7.35 -30.91
CA SER A 219 -11.10 6.37 -31.87
C SER A 219 -11.30 4.94 -31.36
N ARG A 220 -10.99 4.67 -30.08
CA ARG A 220 -11.08 3.32 -29.55
C ARG A 220 -12.48 2.92 -29.09
N PHE A 221 -13.16 3.82 -28.38
CA PHE A 221 -14.42 3.52 -27.69
C PHE A 221 -15.61 4.23 -28.32
N GLY A 222 -15.42 4.96 -29.42
CA GLY A 222 -16.56 5.58 -30.11
C GLY A 222 -17.20 6.73 -29.35
N ASP A 223 -18.52 6.90 -29.53
CA ASP A 223 -19.27 7.95 -28.87
C ASP A 223 -19.16 7.92 -27.36
N GLU A 224 -19.21 6.72 -26.77
CA GLU A 224 -19.03 6.57 -25.33
C GLU A 224 -17.66 7.05 -24.89
N GLY A 225 -16.66 6.85 -25.74
CA GLY A 225 -15.32 7.30 -25.43
C GLY A 225 -15.24 8.80 -25.36
N ALA A 226 -16.05 9.50 -26.18
CA ALA A 226 -16.11 10.95 -26.13
C ALA A 226 -16.66 11.49 -24.79
N LYS A 227 -17.29 10.63 -23.99
CA LYS A 227 -17.84 11.00 -22.69
C LYS A 227 -16.90 10.69 -21.50
N ILE A 228 -15.75 10.09 -21.77
CA ILE A 228 -14.78 9.83 -20.71
C ILE A 228 -14.17 11.17 -20.25
N ARG A 229 -14.23 11.41 -18.94
CA ARG A 229 -13.71 12.64 -18.38
CA ARG A 229 -13.71 12.63 -18.32
C ARG A 229 -12.18 12.59 -18.39
N LEU A 230 -11.61 13.69 -18.80
CA LEU A 230 -10.20 13.94 -18.88
C LEU A 230 -9.79 15.05 -17.89
N LEU A 231 -8.98 14.70 -16.90
CA LEU A 231 -8.60 15.63 -15.86
C LEU A 231 -7.18 16.12 -16.12
N TYR A 232 -6.92 17.40 -15.86
CA TYR A 232 -5.53 17.87 -15.90
C TYR A 232 -4.90 17.66 -14.54
N GLY A 233 -3.71 17.04 -14.49
CA GLY A 233 -3.14 16.71 -13.21
C GLY A 233 -1.70 17.12 -12.99
N GLY A 234 -1.28 18.14 -13.69
CA GLY A 234 -0.05 18.87 -13.33
C GLY A 234 -0.35 19.78 -12.16
N SER A 235 0.43 20.85 -12.03
CA SER A 235 0.33 21.75 -10.85
C SER A 235 -0.96 22.55 -11.01
N VAL A 236 -1.95 22.20 -10.19
CA VAL A 236 -3.18 22.95 -10.17
C VAL A 236 -3.25 23.61 -8.80
N LYS A 237 -3.35 24.94 -8.83
CA LYS A 237 -3.40 25.80 -7.67
C LYS A 237 -4.57 26.77 -7.84
N PRO A 238 -5.03 27.38 -6.73
CA PRO A 238 -6.06 28.41 -6.85
C PRO A 238 -5.73 29.48 -7.90
N SER A 239 -4.47 29.81 -8.10
CA SER A 239 -4.11 30.87 -9.08
C SER A 239 -4.17 30.49 -10.59
N ASN A 240 -4.09 29.20 -10.91
CA ASN A 240 -4.19 28.79 -12.34
C ASN A 240 -5.49 28.05 -12.72
N ALA A 241 -6.39 27.89 -11.76
CA ALA A 241 -7.51 26.98 -11.94
C ALA A 241 -8.50 27.45 -13.00
N PHE A 242 -8.80 28.74 -13.08
CA PHE A 242 -9.81 29.18 -14.04
C PHE A 242 -9.36 28.93 -15.47
N GLU A 243 -8.14 29.32 -15.77
CA GLU A 243 -7.56 29.15 -17.08
C GLU A 243 -7.52 27.65 -17.46
N LEU A 244 -7.08 26.82 -16.52
CA LEU A 244 -6.95 25.37 -16.80
C LEU A 244 -8.31 24.70 -16.97
N LEU A 245 -9.22 24.93 -16.04
CA LEU A 245 -10.49 24.23 -16.04
C LEU A 245 -11.43 24.71 -17.14
N SER A 246 -11.19 25.90 -17.71
CA SER A 246 -12.01 26.38 -18.81
CA SER A 246 -11.99 26.41 -18.81
C SER A 246 -11.44 25.96 -20.17
N THR A 247 -10.36 25.19 -20.17
CA THR A 247 -9.75 24.72 -21.40
C THR A 247 -10.58 23.61 -22.05
N ALA A 248 -10.73 23.68 -23.37
CA ALA A 248 -11.44 22.67 -24.14
C ALA A 248 -10.87 21.30 -23.81
N HIS A 249 -11.80 20.38 -23.53
CA HIS A 249 -11.47 18.98 -23.30
C HIS A 249 -10.79 18.73 -21.96
N VAL A 250 -10.78 19.73 -21.08
CA VAL A 250 -10.39 19.57 -19.68
C VAL A 250 -11.67 19.51 -18.88
N ASN A 251 -11.95 18.33 -18.31
CA ASN A 251 -13.20 18.06 -17.59
C ASN A 251 -13.02 18.07 -16.09
N GLY A 252 -11.87 18.58 -15.61
CA GLY A 252 -11.60 18.68 -14.17
C GLY A 252 -10.12 18.59 -13.93
N ALA A 253 -9.74 18.24 -12.70
CA ALA A 253 -8.33 18.24 -12.29
C ALA A 253 -8.06 17.15 -11.30
N LEU A 254 -6.79 16.74 -11.26
CA LEU A 254 -6.25 15.86 -10.20
C LEU A 254 -5.24 16.71 -9.47
N ILE A 255 -5.58 17.06 -8.24
CA ILE A 255 -4.92 18.07 -7.43
C ILE A 255 -4.18 17.41 -6.28
N GLY A 256 -2.91 17.75 -6.11
CA GLY A 256 -2.08 17.14 -5.05
C GLY A 256 -2.04 18.04 -3.84
N GLY A 257 -1.04 18.89 -3.79
CA GLY A 257 -0.86 19.71 -2.61
C GLY A 257 -2.05 20.58 -2.25
N ALA A 258 -2.69 21.14 -3.28
CA ALA A 258 -3.84 22.02 -3.07
C ALA A 258 -5.10 21.29 -2.67
N SER A 259 -5.03 19.97 -2.45
CA SER A 259 -6.16 19.22 -1.88
C SER A 259 -6.04 18.95 -0.41
N LEU A 260 -4.90 19.27 0.18
CA LEU A 260 -4.65 18.98 1.60
C LEU A 260 -5.42 19.91 2.55
N LYS A 261 -5.71 21.12 2.11
CA LYS A 261 -6.48 22.05 2.90
C LYS A 261 -7.74 22.48 2.17
N ALA A 262 -8.86 22.47 2.89
CA ALA A 262 -10.15 22.85 2.35
C ALA A 262 -10.13 24.19 1.66
N ILE A 263 -9.47 25.18 2.27
CA ILE A 263 -9.41 26.53 1.70
C ILE A 263 -8.86 26.52 0.27
N ASP A 264 -7.83 25.71 0.03
CA ASP A 264 -7.22 25.63 -1.30
C ASP A 264 -8.08 24.83 -2.24
N PHE A 265 -8.52 23.67 -1.80
CA PHE A 265 -9.35 22.79 -2.64
C PHE A 265 -10.64 23.48 -3.04
N LEU A 266 -11.32 24.07 -2.06
CA LEU A 266 -12.61 24.69 -2.31
C LEU A 266 -12.46 25.93 -3.19
N THR A 267 -11.33 26.62 -3.09
CA THR A 267 -11.10 27.78 -3.98
C THR A 267 -11.02 27.33 -5.45
N ILE A 268 -10.38 26.20 -5.70
CA ILE A 268 -10.34 25.63 -7.03
C ILE A 268 -11.73 25.24 -7.52
N CYS A 269 -12.51 24.61 -6.64
CA CYS A 269 -13.85 24.16 -7.01
C CYS A 269 -14.76 25.33 -7.38
N ASP A 270 -14.53 26.47 -6.72
CA ASP A 270 -15.30 27.72 -6.89
C ASP A 270 -15.27 28.21 -8.31
N VAL A 271 -14.28 27.77 -9.11
CA VAL A 271 -14.20 28.14 -10.53
C VAL A 271 -15.47 27.79 -11.31
N TYR A 272 -16.17 26.74 -10.91
CA TYR A 272 -17.37 26.31 -11.63
C TYR A 272 -18.61 27.20 -11.35
N ARG A 273 -18.51 28.03 -10.32
CA ARG A 273 -19.50 29.08 -10.06
C ARG A 273 -19.31 30.29 -10.99
N LYS A 274 -18.15 30.37 -11.66
CA LYS A 274 -17.82 31.48 -12.57
C LYS A 274 -17.38 30.95 -13.93
N ILE B 26 14.58 -16.04 26.49
CA ILE B 26 13.86 -15.20 25.45
C ILE B 26 12.36 -15.58 25.34
N ARG B 27 11.49 -14.58 25.42
CA ARG B 27 10.04 -14.81 25.33
C ARG B 27 9.62 -15.12 23.87
N PRO B 28 8.96 -16.27 23.64
CA PRO B 28 8.64 -16.59 22.24
C PRO B 28 7.58 -15.65 21.68
N PHE B 29 7.56 -15.58 20.35
CA PHE B 29 6.79 -14.57 19.65
C PHE B 29 6.22 -15.22 18.39
N ILE B 30 4.90 -15.27 18.31
CA ILE B 30 4.19 -15.87 17.18
C ILE B 30 3.45 -14.76 16.42
N ALA B 31 3.87 -14.55 15.19
CA ALA B 31 3.38 -13.46 14.33
C ALA B 31 2.64 -14.05 13.14
N GLY B 32 1.44 -13.56 12.90
CA GLY B 32 0.70 -13.95 11.73
C GLY B 32 0.67 -12.81 10.75
N ASN B 33 0.87 -13.14 9.48
CA ASN B 33 0.85 -12.16 8.41
C ASN B 33 -0.32 -12.56 7.52
N TRP B 34 -1.41 -11.77 7.57
CA TRP B 34 -2.55 -12.00 6.73
C TRP B 34 -2.33 -11.71 5.25
N LYS B 35 -1.25 -10.98 4.94
CA LYS B 35 -0.91 -10.60 3.57
C LYS B 35 -2.13 -9.86 2.99
N MET B 36 -2.48 -10.12 1.74
CA MET B 36 -3.58 -9.36 1.10
C MET B 36 -4.87 -10.16 1.29
N ASN B 37 -5.24 -10.28 2.54
CA ASN B 37 -6.46 -10.93 3.01
C ASN B 37 -7.01 -10.15 4.19
N GLY B 38 -8.32 -9.91 4.18
CA GLY B 38 -9.00 -9.36 5.33
C GLY B 38 -9.76 -8.11 5.01
N THR B 39 -11.01 -8.09 5.41
CA THR B 39 -11.88 -6.93 5.33
C THR B 39 -12.68 -6.85 6.63
N GLY B 40 -13.63 -5.93 6.71
CA GLY B 40 -14.48 -5.87 7.89
C GLY B 40 -15.20 -7.17 8.18
N GLU B 41 -15.48 -7.96 7.14
CA GLU B 41 -16.12 -9.27 7.32
CA GLU B 41 -16.14 -9.25 7.33
C GLU B 41 -15.25 -10.23 8.11
N SER B 42 -13.94 -9.94 8.19
CA SER B 42 -12.98 -10.81 8.85
C SER B 42 -12.79 -10.49 10.32
N LEU B 43 -13.49 -9.46 10.82
CA LEU B 43 -13.22 -9.03 12.18
C LEU B 43 -13.58 -10.12 13.21
N GLY B 44 -14.65 -10.87 12.95
CA GLY B 44 -15.00 -12.02 13.79
C GLY B 44 -13.85 -13.00 13.94
N GLU B 45 -13.24 -13.33 12.82
CA GLU B 45 -12.13 -14.26 12.85
C GLU B 45 -10.95 -13.69 13.64
N LEU B 46 -10.69 -12.39 13.46
CA LEU B 46 -9.64 -11.73 14.21
C LEU B 46 -9.93 -11.76 15.68
N ARG B 47 -11.18 -11.53 16.07
CA ARG B 47 -11.53 -11.63 17.50
C ARG B 47 -11.31 -13.02 18.08
N ALA B 48 -11.58 -14.02 17.26
CA ALA B 48 -11.42 -15.41 17.67
C ALA B 48 -9.95 -15.72 17.93
N ILE B 49 -9.07 -15.18 17.09
CA ILE B 49 -7.61 -15.32 17.35
C ILE B 49 -7.27 -14.65 18.67
N ALA B 50 -7.72 -13.41 18.89
CA ALA B 50 -7.45 -12.70 20.14
C ALA B 50 -7.98 -13.40 21.39
N ALA B 51 -9.18 -13.96 21.27
CA ALA B 51 -9.82 -14.54 22.46
C ALA B 51 -9.14 -15.83 22.84
N GLY B 52 -8.59 -16.50 21.82
CA GLY B 52 -7.77 -17.70 22.03
C GLY B 52 -6.48 -17.41 22.78
N ILE B 53 -5.93 -16.20 22.63
CA ILE B 53 -4.74 -15.74 23.39
C ILE B 53 -5.14 -15.36 24.83
N SER B 54 -6.19 -14.57 24.98
CA SER B 54 -6.70 -14.21 26.33
C SER B 54 -7.01 -15.44 27.17
N PHE B 61 4.11 -16.99 25.62
CA PHE B 61 4.45 -16.38 24.33
C PHE B 61 3.66 -15.08 24.10
N GLU B 62 4.13 -14.26 23.15
CA GLU B 62 3.41 -13.07 22.66
C GLU B 62 2.88 -13.43 21.29
N ALA B 63 1.77 -12.80 20.92
CA ALA B 63 1.18 -13.01 19.59
C ALA B 63 0.88 -11.68 18.90
N LEU B 64 1.06 -11.68 17.60
CA LEU B 64 0.90 -10.50 16.75
C LEU B 64 0.16 -10.90 15.51
N ILE B 65 -0.82 -10.08 15.08
CA ILE B 65 -1.41 -10.28 13.75
C ILE B 65 -1.22 -9.01 12.96
N CYS B 66 -0.73 -9.18 11.73
CA CYS B 66 -0.43 -8.08 10.83
C CYS B 66 -1.49 -8.07 9.74
N VAL B 67 -2.38 -7.07 9.80
CA VAL B 67 -3.58 -7.00 8.94
C VAL B 67 -3.34 -5.98 7.84
N PRO B 68 -4.09 -6.05 6.75
CA PRO B 68 -3.99 -4.99 5.73
C PRO B 68 -4.24 -3.61 6.29
N ALA B 69 -3.60 -2.63 5.67
CA ALA B 69 -3.67 -1.26 6.17
C ALA B 69 -5.10 -0.74 6.21
N THR B 70 -5.92 -1.19 5.28
CA THR B 70 -7.33 -0.80 5.26
C THR B 70 -8.12 -1.22 6.49
N LEU B 71 -7.67 -2.27 7.17
CA LEU B 71 -8.42 -2.91 8.27
C LEU B 71 -7.89 -2.51 9.64
N LEU B 72 -6.69 -1.91 9.69
CA LEU B 72 -5.97 -1.67 10.94
C LEU B 72 -6.77 -0.90 11.99
N SER B 73 -7.36 0.23 11.62
CA SER B 73 -8.13 1.03 12.59
CA SER B 73 -8.11 1.03 12.60
C SER B 73 -9.30 0.25 13.20
N ARG B 74 -10.01 -0.50 12.35
CA ARG B 74 -11.17 -1.30 12.80
C ARG B 74 -10.73 -2.47 13.67
N ALA B 75 -9.57 -3.01 13.35
CA ALA B 75 -8.99 -4.09 14.16
C ALA B 75 -8.65 -3.51 15.55
N PHE B 76 -8.07 -2.31 15.58
CA PHE B 76 -7.68 -1.69 16.87
C PHE B 76 -8.91 -1.42 17.70
N ASP B 77 -10.01 -1.04 17.05
CA ASP B 77 -11.24 -0.67 17.73
C ASP B 77 -11.78 -1.85 18.51
N ILE B 78 -11.64 -3.07 17.98
CA ILE B 78 -12.15 -4.25 18.68
C ILE B 78 -11.14 -4.93 19.58
N LEU B 79 -9.84 -4.76 19.31
CA LEU B 79 -8.77 -5.49 19.99
C LEU B 79 -7.86 -4.63 20.86
N GLY B 80 -7.87 -3.31 20.65
CA GLY B 80 -6.93 -2.37 21.28
C GLY B 80 -6.55 -2.62 22.73
N GLY B 81 -7.52 -3.03 23.55
CA GLY B 81 -7.23 -3.38 24.97
C GLY B 81 -6.57 -4.75 25.20
N GLU B 82 -6.83 -5.69 24.28
CA GLU B 82 -6.61 -7.10 24.54
C GLU B 82 -5.13 -7.47 24.40
N ASN B 83 -4.84 -8.75 24.64
CA ASN B 83 -3.49 -9.23 24.76
C ASN B 83 -2.75 -9.22 23.42
N ILE B 84 -3.47 -9.52 22.35
CA ILE B 84 -2.87 -9.67 21.04
C ILE B 84 -2.21 -8.33 20.59
N LEU B 85 -1.08 -8.41 19.89
CA LEU B 85 -0.46 -7.25 19.26
C LEU B 85 -0.98 -7.10 17.84
N LEU B 86 -1.06 -5.85 17.38
CA LEU B 86 -1.55 -5.56 16.02
CA LEU B 86 -1.55 -5.52 16.06
C LEU B 86 -0.41 -4.92 15.25
N GLY B 87 -0.29 -5.31 14.00
CA GLY B 87 0.75 -4.82 13.11
C GLY B 87 0.34 -4.50 11.71
N GLY B 88 1.24 -3.79 11.03
CA GLY B 88 1.16 -3.52 9.61
C GLY B 88 2.15 -4.38 8.81
N GLN B 89 2.04 -4.28 7.49
CA GLN B 89 2.77 -5.19 6.60
C GLN B 89 3.92 -4.60 5.78
N ASN B 90 4.11 -3.30 5.88
CA ASN B 90 5.15 -2.52 5.17
C ASN B 90 4.96 -1.06 5.57
N CYS B 91 5.98 -0.23 5.40
CA CYS B 91 5.87 1.21 5.52
C CYS B 91 6.88 1.87 4.63
N HIS B 92 6.67 3.15 4.38
CA HIS B 92 7.55 3.97 3.59
C HIS B 92 8.75 4.43 4.41
N PHE B 93 9.74 5.00 3.74
CA PHE B 93 10.94 5.54 4.39
C PHE B 93 10.75 6.95 4.96
N ASP B 94 9.79 7.71 4.45
CA ASP B 94 9.58 9.11 4.86
CA ASP B 94 9.59 9.09 4.90
C ASP B 94 8.42 9.23 5.86
N ASP B 95 8.41 10.34 6.60
CA ASP B 95 7.38 10.57 7.55
C ASP B 95 6.02 10.89 6.92
N TYR B 96 6.06 11.54 5.76
CA TYR B 96 4.87 12.01 5.03
C TYR B 96 5.40 12.48 3.69
N GLY B 97 4.55 12.67 2.71
CA GLY B 97 4.96 13.34 1.51
C GLY B 97 4.31 12.81 0.25
N PRO B 98 4.90 13.16 -0.89
CA PRO B 98 4.27 12.94 -2.21
C PRO B 98 4.56 11.55 -2.73
N TYR B 99 3.94 10.58 -2.08
CA TYR B 99 4.20 9.16 -2.39
C TYR B 99 2.86 8.45 -2.48
N THR B 100 2.24 8.61 -3.66
CA THR B 100 0.90 8.07 -3.91
C THR B 100 0.83 6.58 -3.65
N GLY B 101 -0.14 6.15 -2.85
CA GLY B 101 -0.28 4.78 -2.50
C GLY B 101 0.60 4.18 -1.48
N ASP B 102 1.40 5.03 -0.83
CA ASP B 102 2.26 4.56 0.28
C ASP B 102 1.78 5.02 1.64
N ILE B 103 2.11 4.21 2.62
CA ILE B 103 1.67 4.39 4.04
C ILE B 103 2.87 4.64 4.90
N SER B 104 2.80 5.70 5.72
CA SER B 104 3.90 6.01 6.64
C SER B 104 3.82 5.18 7.90
N ALA B 105 4.96 5.06 8.55
CA ALA B 105 5.02 4.45 9.90
C ALA B 105 4.15 5.20 10.89
N PHE B 106 4.11 6.52 10.79
CA PHE B 106 3.18 7.32 11.62
C PHE B 106 1.73 7.03 11.38
N MET B 107 1.35 6.75 10.13
CA MET B 107 -0.02 6.36 9.86
C MET B 107 -0.35 5.00 10.50
N LEU B 108 0.56 4.08 10.45
CA LEU B 108 0.35 2.78 11.06
C LEU B 108 0.19 2.92 12.57
N LYS B 109 1.12 3.63 13.20
CA LYS B 109 1.07 3.88 14.63
C LYS B 109 -0.27 4.54 15.03
N GLU B 110 -0.67 5.59 14.35
CA GLU B 110 -1.90 6.28 14.71
C GLU B 110 -3.16 5.45 14.49
N ALA B 111 -3.13 4.56 13.51
CA ALA B 111 -4.25 3.61 13.30
C ALA B 111 -4.30 2.46 14.32
N GLY B 112 -3.23 2.26 15.08
CA GLY B 112 -3.23 1.23 16.11
C GLY B 112 -2.20 0.14 16.04
N ALA B 113 -1.27 0.20 15.06
CA ALA B 113 -0.16 -0.79 15.02
C ALA B 113 0.94 -0.52 16.05
N SER B 114 1.53 -1.58 16.60
CA SER B 114 2.73 -1.51 17.39
C SER B 114 3.94 -2.09 16.65
N HIS B 115 3.69 -2.86 15.58
CA HIS B 115 4.72 -3.59 14.85
C HIS B 115 4.47 -3.43 13.35
N VAL B 116 5.52 -3.59 12.57
CA VAL B 116 5.40 -3.59 11.10
C VAL B 116 6.39 -4.57 10.50
N ILE B 117 5.90 -5.38 9.57
CA ILE B 117 6.75 -6.27 8.78
C ILE B 117 7.46 -5.40 7.73
N ILE B 118 8.75 -5.60 7.60
CA ILE B 118 9.56 -4.83 6.61
C ILE B 118 10.52 -5.80 5.90
N GLY B 119 10.58 -5.69 4.56
CA GLY B 119 11.50 -6.50 3.74
C GLY B 119 11.04 -7.91 3.47
N HIS B 120 9.74 -8.14 3.56
CA HIS B 120 9.21 -9.44 3.22
C HIS B 120 9.65 -9.81 1.78
N SER B 121 9.94 -11.08 1.58
CA SER B 121 10.33 -11.58 0.25
C SER B 121 9.37 -11.22 -0.90
N GLU B 122 8.06 -11.16 -0.62
CA GLU B 122 7.08 -10.78 -1.65
C GLU B 122 7.30 -9.34 -2.14
N ARG B 123 7.89 -8.51 -1.29
CA ARG B 123 8.20 -7.14 -1.68
C ARG B 123 9.64 -6.94 -2.18
N ARG B 124 10.61 -7.68 -1.66
CA ARG B 124 12.03 -7.43 -2.04
C ARG B 124 12.23 -7.58 -3.53
N THR B 125 11.58 -8.62 -4.05
CA THR B 125 11.48 -9.12 -5.42
C THR B 125 10.68 -8.14 -6.31
N VAL B 126 9.39 -8.06 -6.03
CA VAL B 126 8.49 -7.31 -6.87
C VAL B 126 8.72 -5.81 -6.83
N TYR B 127 9.08 -5.24 -5.68
CA TYR B 127 9.22 -3.80 -5.49
C TYR B 127 10.72 -3.38 -5.41
N GLN B 128 11.59 -4.32 -5.68
CA GLN B 128 13.05 -4.05 -5.66
C GLN B 128 13.47 -3.31 -4.38
N GLU B 129 13.05 -3.86 -3.24
CA GLU B 129 13.44 -3.31 -1.99
C GLU B 129 14.81 -3.88 -1.63
N SER B 130 15.84 -3.08 -1.84
CA SER B 130 17.21 -3.42 -1.48
C SER B 130 17.42 -3.35 0.00
N ASP B 131 18.57 -3.86 0.46
CA ASP B 131 18.82 -3.76 1.91
C ASP B 131 18.85 -2.29 2.39
N ALA B 132 19.33 -1.36 1.57
CA ALA B 132 19.38 0.03 1.94
C ALA B 132 17.97 0.58 2.04
N ILE B 133 17.11 0.20 1.12
CA ILE B 133 15.66 0.56 1.21
C ILE B 133 15.02 0.01 2.48
N VAL B 134 15.35 -1.24 2.83
CA VAL B 134 14.81 -1.86 4.01
C VAL B 134 15.28 -1.14 5.27
N ARG B 135 16.57 -0.84 5.34
CA ARG B 135 17.12 -0.11 6.47
C ARG B 135 16.38 1.24 6.67
N ALA B 136 16.15 1.98 5.58
CA ALA B 136 15.47 3.26 5.65
C ALA B 136 14.03 3.10 6.17
N LYS B 137 13.36 2.02 5.77
CA LYS B 137 12.01 1.73 6.26
C LYS B 137 12.07 1.45 7.77
N VAL B 138 13.06 0.66 8.24
CA VAL B 138 13.22 0.35 9.65
C VAL B 138 13.42 1.64 10.45
N GLN B 139 14.25 2.54 9.93
CA GLN B 139 14.51 3.82 10.62
C GLN B 139 13.20 4.59 10.77
N ALA B 140 12.37 4.62 9.72
CA ALA B 140 11.04 5.29 9.83
C ALA B 140 10.16 4.63 10.86
N ALA B 141 10.13 3.30 10.85
CA ALA B 141 9.34 2.56 11.87
C ALA B 141 9.73 3.01 13.29
N TRP B 142 11.02 3.06 13.56
CA TRP B 142 11.48 3.53 14.89
C TRP B 142 11.12 5.00 15.20
N ARG B 143 11.20 5.88 14.23
CA ARG B 143 10.80 7.27 14.46
C ARG B 143 9.37 7.34 14.97
N ALA B 144 8.54 6.44 14.46
CA ALA B 144 7.12 6.39 14.80
C ALA B 144 6.83 5.56 16.02
N GLY B 145 7.84 4.89 16.57
CA GLY B 145 7.64 4.07 17.76
C GLY B 145 7.17 2.65 17.51
N LEU B 146 7.35 2.18 16.28
CA LEU B 146 7.04 0.80 15.93
C LEU B 146 8.23 -0.10 16.11
N VAL B 147 7.93 -1.36 16.42
CA VAL B 147 8.92 -2.44 16.39
C VAL B 147 8.92 -2.97 14.94
N ALA B 148 10.10 -3.07 14.33
CA ALA B 148 10.27 -3.57 12.96
C ALA B 148 10.52 -5.07 12.97
N LEU B 149 9.69 -5.80 12.26
CA LEU B 149 9.88 -7.23 12.10
C LEU B 149 10.51 -7.41 10.71
N ILE B 150 11.84 -7.54 10.71
CA ILE B 150 12.68 -7.49 9.52
C ILE B 150 12.84 -8.90 8.96
N CYS B 151 12.50 -9.06 7.67
CA CYS B 151 12.63 -10.34 7.01
C CYS B 151 13.89 -10.42 6.16
N VAL B 152 14.56 -11.57 6.24
CA VAL B 152 15.73 -11.86 5.39
C VAL B 152 15.57 -13.28 4.85
N GLY B 153 16.37 -13.61 3.85
CA GLY B 153 16.31 -14.94 3.25
C GLY B 153 16.82 -15.05 1.82
N GLU B 154 17.36 -16.22 1.52
CA GLU B 154 17.96 -16.47 0.20
C GLU B 154 17.07 -17.20 -0.77
N THR B 155 17.29 -16.90 -2.04
CA THR B 155 16.53 -17.52 -3.13
C THR B 155 17.04 -18.92 -3.46
N LEU B 156 16.26 -19.62 -4.28
CA LEU B 156 16.62 -20.94 -4.78
C LEU B 156 17.96 -20.92 -5.49
N GLU B 157 18.15 -19.98 -6.43
CA GLU B 157 19.42 -19.85 -7.18
C GLU B 157 20.58 -19.54 -6.22
N GLU B 158 20.32 -18.74 -5.19
CA GLU B 158 21.36 -18.40 -4.22
C GLU B 158 21.77 -19.60 -3.41
N ARG B 159 20.80 -20.41 -2.99
CA ARG B 159 21.14 -21.58 -2.18
C ARG B 159 21.83 -22.62 -3.06
N LYS B 160 21.32 -22.77 -4.28
CA LYS B 160 21.93 -23.71 -5.24
C LYS B 160 23.38 -23.31 -5.58
N SER B 161 23.68 -22.01 -5.57
CA SER B 161 25.03 -21.48 -5.78
C SER B 161 25.95 -21.62 -4.55
N ASN B 162 25.47 -22.25 -3.49
CA ASN B 162 26.19 -22.28 -2.22
C ASN B 162 26.50 -20.88 -1.63
N LYS B 163 25.52 -19.98 -1.74
CA LYS B 163 25.69 -18.59 -1.24
C LYS B 163 24.80 -18.25 -0.02
N VAL B 164 24.25 -19.23 0.66
CA VAL B 164 23.29 -18.95 1.73
C VAL B 164 23.91 -18.02 2.80
N LEU B 165 25.09 -18.38 3.29
CA LEU B 165 25.67 -17.57 4.39
C LEU B 165 26.18 -16.23 3.86
N ASP B 166 26.67 -16.18 2.63
CA ASP B 166 27.09 -14.91 2.01
C ASP B 166 25.87 -13.95 1.89
N VAL B 167 24.73 -14.48 1.46
CA VAL B 167 23.53 -13.64 1.31
C VAL B 167 23.05 -13.13 2.66
N LEU B 168 22.96 -14.02 3.65
CA LEU B 168 22.51 -13.62 4.97
C LEU B 168 23.46 -12.63 5.59
N THR B 169 24.77 -12.82 5.42
CA THR B 169 25.76 -11.85 5.94
C THR B 169 25.48 -10.45 5.39
N ARG B 170 25.27 -10.35 4.10
CA ARG B 170 25.00 -9.08 3.45
C ARG B 170 23.65 -8.49 3.87
N GLN B 171 22.61 -9.31 3.82
CA GLN B 171 21.26 -8.83 4.15
C GLN B 171 21.18 -8.36 5.60
N LEU B 172 21.75 -9.15 6.53
CA LEU B 172 21.68 -8.73 7.94
C LEU B 172 22.42 -7.43 8.21
N GLU B 173 23.60 -7.30 7.64
CA GLU B 173 24.37 -6.07 7.82
C GLU B 173 23.60 -4.88 7.23
N GLY B 174 23.22 -5.02 5.97
CA GLY B 174 22.63 -3.90 5.22
C GLY B 174 21.22 -3.52 5.66
N SER B 175 20.42 -4.47 6.09
CA SER B 175 19.00 -4.22 6.40
C SER B 175 18.83 -3.60 7.79
N LEU B 176 19.71 -3.92 8.70
CA LEU B 176 19.60 -3.48 10.08
C LEU B 176 20.33 -2.16 10.24
N PRO B 177 19.62 -1.11 10.66
CA PRO B 177 20.35 0.13 11.00
C PRO B 177 21.14 0.00 12.29
N ASP B 178 22.14 0.86 12.42
CA ASP B 178 22.79 1.05 13.67
C ASP B 178 21.66 1.47 14.61
N GLY B 179 21.78 1.09 15.84
CA GLY B 179 20.74 1.48 16.81
C GLY B 179 19.73 0.40 17.05
N ALA B 180 19.87 -0.75 16.38
CA ALA B 180 18.95 -1.84 16.66
C ALA B 180 19.14 -2.41 18.05
N THR B 181 18.01 -2.82 18.65
CA THR B 181 17.97 -3.39 19.99
C THR B 181 17.01 -4.56 20.00
N ALA B 182 17.03 -5.36 21.08
CA ALA B 182 16.07 -6.44 21.19
C ALA B 182 14.64 -5.96 21.37
N GLU B 183 14.49 -4.68 21.71
CA GLU B 183 13.18 -4.07 21.86
C GLU B 183 12.60 -3.52 20.57
N ASN B 184 13.44 -3.06 19.62
CA ASN B 184 12.93 -2.35 18.46
C ASN B 184 13.00 -3.11 17.14
N ILE B 185 13.59 -4.30 17.16
CA ILE B 185 13.54 -5.20 15.99
C ILE B 185 13.27 -6.64 16.45
N ILE B 186 12.74 -7.42 15.50
CA ILE B 186 12.56 -8.85 15.54
C ILE B 186 12.99 -9.28 14.14
N ILE B 187 13.71 -10.40 13.99
CA ILE B 187 14.13 -10.89 12.66
C ILE B 187 13.35 -12.14 12.28
N ALA B 188 12.90 -12.24 11.02
CA ALA B 188 12.29 -13.45 10.47
C ALA B 188 13.12 -13.97 9.31
N TYR B 189 13.51 -15.23 9.39
CA TYR B 189 14.20 -15.91 8.32
C TYR B 189 13.16 -16.58 7.41
N GLU B 190 13.13 -16.17 6.14
CA GLU B 190 12.31 -16.79 5.07
C GLU B 190 13.17 -17.64 4.13
N PRO B 191 12.98 -18.94 4.08
CA PRO B 191 13.70 -19.78 3.06
C PRO B 191 12.99 -19.62 1.71
N VAL B 192 13.19 -18.45 1.09
CA VAL B 192 12.58 -18.16 -0.22
C VAL B 192 12.82 -19.33 -1.20
N TRP B 193 13.99 -19.97 -1.11
CA TRP B 193 14.35 -21.16 -1.94
C TRP B 193 13.39 -22.34 -1.86
N ALA B 194 12.60 -22.41 -0.80
CA ALA B 194 11.66 -23.54 -0.56
C ALA B 194 10.23 -23.17 -0.97
N ALA B 201 12.30 -26.93 3.43
CA ALA B 201 13.31 -26.68 4.48
C ALA B 201 13.13 -27.68 5.60
N THR B 202 14.22 -28.28 6.00
CA THR B 202 14.22 -29.19 7.14
C THR B 202 14.56 -28.45 8.42
N SER B 203 14.22 -29.05 9.56
CA SER B 203 14.60 -28.43 10.83
C SER B 203 16.14 -28.35 11.02
N ALA B 204 16.91 -29.23 10.40
CA ALA B 204 18.37 -29.07 10.37
C ALA B 204 18.80 -27.82 9.60
N ASP B 205 18.17 -27.60 8.46
CA ASP B 205 18.42 -26.40 7.65
C ASP B 205 18.14 -25.18 8.52
N VAL B 206 16.99 -25.21 9.20
CA VAL B 206 16.58 -24.07 10.04
C VAL B 206 17.53 -23.87 11.22
N ALA B 207 17.93 -24.95 11.89
CA ALA B 207 18.84 -24.83 13.01
C ALA B 207 20.14 -24.14 12.56
N GLU B 208 20.67 -24.53 11.40
CA GLU B 208 21.95 -24.02 10.90
C GLU B 208 21.83 -22.50 10.68
N VAL B 209 20.75 -22.10 10.04
CA VAL B 209 20.56 -20.69 9.71
C VAL B 209 20.35 -19.86 10.97
N HIS B 210 19.46 -20.33 11.84
CA HIS B 210 19.19 -19.57 13.06
C HIS B 210 20.41 -19.43 13.95
N ALA B 211 21.22 -20.49 14.04
CA ALA B 211 22.44 -20.36 14.81
C ALA B 211 23.35 -19.29 14.22
N PHE B 212 23.47 -19.30 12.89
CA PHE B 212 24.30 -18.31 12.16
C PHE B 212 23.79 -16.90 12.44
N ILE B 213 22.49 -16.70 12.34
CA ILE B 213 21.93 -15.36 12.55
C ILE B 213 22.14 -14.89 13.99
N HIS B 214 21.90 -15.80 14.94
CA HIS B 214 22.10 -15.50 16.35
C HIS B 214 23.56 -15.06 16.60
N HIS B 215 24.52 -15.79 16.03
CA HIS B 215 25.93 -15.39 16.20
C HIS B 215 26.18 -13.99 15.58
N LYS B 216 25.60 -13.74 14.42
CA LYS B 216 25.70 -12.41 13.81
C LYS B 216 25.19 -11.29 14.71
N MET B 217 24.08 -11.53 15.41
CA MET B 217 23.51 -10.51 16.24
C MET B 217 24.38 -10.26 17.44
N HIS B 218 24.95 -11.32 18.02
CA HIS B 218 25.91 -11.15 19.08
C HIS B 218 27.18 -10.38 18.58
N SER B 219 27.65 -10.71 17.37
CA SER B 219 28.86 -10.10 16.83
C SER B 219 28.68 -8.58 16.67
N ARG B 220 27.50 -8.13 16.24
CA ARG B 220 27.28 -6.72 15.94
C ARG B 220 26.76 -5.97 17.15
N PHE B 221 25.81 -6.57 17.86
CA PHE B 221 25.10 -5.86 18.95
C PHE B 221 25.47 -6.39 20.35
N GLY B 222 26.40 -7.35 20.46
CA GLY B 222 26.85 -7.84 21.78
C GLY B 222 25.75 -8.62 22.52
N ASP B 223 25.78 -8.60 23.87
CA ASP B 223 24.81 -9.34 24.68
C ASP B 223 23.37 -8.95 24.38
N GLU B 224 23.10 -7.67 24.11
CA GLU B 224 21.75 -7.33 23.71
C GLU B 224 21.34 -7.97 22.37
N GLY B 225 22.29 -8.11 21.46
CA GLY B 225 22.00 -8.79 20.23
C GLY B 225 21.52 -10.22 20.43
N ALA B 226 22.10 -10.90 21.44
CA ALA B 226 21.70 -12.26 21.80
C ALA B 226 20.24 -12.35 22.26
N LYS B 227 19.64 -11.22 22.60
CA LYS B 227 18.22 -11.19 23.01
C LYS B 227 17.25 -10.87 21.87
N ILE B 228 17.75 -10.56 20.67
CA ILE B 228 16.88 -10.29 19.53
C ILE B 228 16.16 -11.58 19.12
N ARG B 229 14.83 -11.53 19.07
CA ARG B 229 14.05 -12.69 18.73
CA ARG B 229 14.03 -12.69 18.70
C ARG B 229 14.20 -13.02 17.22
N LEU B 230 14.39 -14.29 16.94
CA LEU B 230 14.55 -14.84 15.61
C LEU B 230 13.41 -15.78 15.29
N LEU B 231 12.56 -15.38 14.34
CA LEU B 231 11.39 -16.16 13.97
C LEU B 231 11.66 -16.93 12.71
N TYR B 232 11.19 -18.17 12.66
CA TYR B 232 11.19 -18.89 11.41
C TYR B 232 9.98 -18.54 10.58
N GLY B 233 10.20 -18.13 9.34
CA GLY B 233 9.12 -17.59 8.50
C GLY B 233 8.86 -18.31 7.20
N GLY B 234 9.39 -19.51 7.06
CA GLY B 234 8.94 -20.49 6.02
C GLY B 234 7.60 -21.10 6.32
N SER B 235 7.31 -22.28 5.73
CA SER B 235 5.96 -22.89 5.86
CA SER B 235 5.95 -22.85 5.86
C SER B 235 5.81 -23.42 7.28
N VAL B 236 4.95 -22.78 8.06
CA VAL B 236 4.68 -23.16 9.43
C VAL B 236 3.21 -23.46 9.52
N LYS B 237 2.95 -24.74 9.82
CA LYS B 237 1.61 -25.28 9.92
CA LYS B 237 1.60 -25.26 9.92
C LYS B 237 1.45 -26.04 11.23
N PRO B 238 0.19 -26.29 11.63
CA PRO B 238 0.02 -27.13 12.80
C PRO B 238 0.79 -28.46 12.71
N SER B 239 0.88 -29.01 11.51
CA SER B 239 1.59 -30.29 11.31
C SER B 239 3.12 -30.30 11.53
N ASN B 240 3.77 -29.14 11.55
CA ASN B 240 5.24 -29.10 11.72
C ASN B 240 5.71 -28.12 12.84
N ALA B 241 4.75 -27.55 13.57
CA ALA B 241 5.02 -26.50 14.55
C ALA B 241 5.83 -26.98 15.73
N PHE B 242 5.56 -28.20 16.19
CA PHE B 242 6.30 -28.76 17.32
C PHE B 242 7.80 -28.88 16.99
N GLU B 243 8.08 -29.45 15.83
CA GLU B 243 9.44 -29.67 15.44
C GLU B 243 10.18 -28.34 15.20
N LEU B 244 9.52 -27.41 14.51
CA LEU B 244 10.19 -26.16 14.16
C LEU B 244 10.41 -25.28 15.40
N LEU B 245 9.37 -25.16 16.23
CA LEU B 245 9.45 -24.24 17.37
C LEU B 245 10.29 -24.82 18.51
N SER B 246 10.59 -26.13 18.45
CA SER B 246 11.51 -26.79 19.38
C SER B 246 12.97 -26.59 19.00
N THR B 247 13.22 -26.00 17.83
CA THR B 247 14.56 -25.95 17.28
C THR B 247 15.38 -24.85 18.01
N ALA B 248 16.67 -25.12 18.24
CA ALA B 248 17.56 -24.14 18.90
C ALA B 248 17.58 -22.82 18.12
N HIS B 249 17.46 -21.71 18.84
CA HIS B 249 17.54 -20.36 18.28
C HIS B 249 16.38 -19.99 17.37
N VAL B 250 15.31 -20.80 17.41
CA VAL B 250 14.01 -20.40 16.85
C VAL B 250 13.15 -19.89 18.02
N ASN B 251 12.81 -18.58 17.99
CA ASN B 251 12.14 -17.94 19.10
C ASN B 251 10.69 -17.66 18.74
N GLY B 252 10.17 -18.28 17.67
CA GLY B 252 8.79 -18.09 17.25
C GLY B 252 8.69 -18.29 15.77
N ALA B 253 7.65 -17.72 15.18
CA ALA B 253 7.36 -17.97 13.78
C ALA B 253 6.68 -16.76 13.17
N LEU B 254 6.85 -16.62 11.86
CA LEU B 254 6.08 -15.70 11.01
C LEU B 254 5.24 -16.57 10.07
N ILE B 255 3.94 -16.60 10.37
CA ILE B 255 3.00 -17.59 9.82
C ILE B 255 2.11 -16.88 8.80
N GLY B 256 2.03 -17.45 7.60
CA GLY B 256 1.25 -16.87 6.52
C GLY B 256 -0.12 -17.47 6.50
N GLY B 257 -0.34 -18.45 5.63
CA GLY B 257 -1.73 -19.00 5.48
C GLY B 257 -2.33 -19.58 6.74
N ALA B 258 -1.49 -20.16 7.61
CA ALA B 258 -2.04 -20.73 8.85
C ALA B 258 -2.37 -19.66 9.91
N SER B 259 -2.29 -18.38 9.55
CA SER B 259 -2.69 -17.30 10.45
C SER B 259 -4.09 -16.77 10.08
N LEU B 260 -4.64 -17.21 8.96
CA LEU B 260 -5.92 -16.68 8.47
C LEU B 260 -7.09 -17.22 9.25
N LYS B 261 -6.98 -18.43 9.81
CA LYS B 261 -8.07 -18.95 10.66
C LYS B 261 -7.57 -19.19 12.09
N ALA B 262 -8.39 -18.83 13.06
CA ALA B 262 -8.07 -18.99 14.47
C ALA B 262 -7.71 -20.43 14.80
N ILE B 263 -8.46 -21.39 14.26
CA ILE B 263 -8.19 -22.83 14.60
C ILE B 263 -6.74 -23.18 14.27
N ASP B 264 -6.23 -22.72 13.13
CA ASP B 264 -4.85 -23.05 12.72
C ASP B 264 -3.85 -22.29 13.59
N PHE B 265 -4.05 -20.99 13.68
CA PHE B 265 -3.12 -20.16 14.41
C PHE B 265 -2.97 -20.58 15.85
N LEU B 266 -4.12 -20.84 16.50
CA LEU B 266 -4.11 -21.20 17.91
C LEU B 266 -3.54 -22.59 18.13
N THR B 267 -3.73 -23.49 17.18
CA THR B 267 -3.15 -24.83 17.30
C THR B 267 -1.62 -24.73 17.27
N ILE B 268 -1.08 -23.83 16.44
CA ILE B 268 0.34 -23.61 16.43
C ILE B 268 0.80 -23.02 17.76
N CYS B 269 0.11 -22.01 18.26
CA CYS B 269 0.44 -21.40 19.53
C CYS B 269 0.43 -22.41 20.70
N ASP B 270 -0.43 -23.41 20.61
CA ASP B 270 -0.58 -24.43 21.66
C ASP B 270 0.64 -25.33 21.80
N VAL B 271 1.56 -25.33 20.82
CA VAL B 271 2.80 -26.09 20.97
C VAL B 271 3.55 -25.74 22.23
N TYR B 272 3.49 -24.48 22.67
CA TYR B 272 4.28 -24.05 23.81
C TYR B 272 3.84 -24.72 25.13
N ARG B 273 2.57 -25.17 25.18
CA ARG B 273 2.09 -26.05 26.26
C ARG B 273 2.87 -27.37 26.37
N LYS B 274 3.48 -27.81 25.26
CA LYS B 274 4.38 -28.96 25.25
C LYS B 274 5.80 -28.49 24.90
#